data_5F4C
#
_entry.id   5F4C
#
_cell.length_a   29.362
_cell.length_b   52.790
_cell.length_c   58.812
_cell.angle_alpha   90.00
_cell.angle_beta   93.35
_cell.angle_gamma   90.00
#
_symmetry.space_group_name_H-M   'P 1 21 1'
#
loop_
_entity.id
_entity.type
_entity.pdbx_description
1 polymer 'Putative cytoplasmic protein'
2 non-polymer 'MALONATE ION'
3 water water
#
_entity_poly.entity_id   1
_entity_poly.type   'polypeptide(L)'
_entity_poly.pdbx_seq_one_letter_code
;SNAMNVYTFDFNDIKNQSDFYREFTQTFGLASEKVSDLDTLWDAVMSDILPLPLEIEFVHLPDKLRRRYGALILLFDEAE
EELEGRLRFNVRH
;
_entity_poly.pdbx_strand_id   A,B
#
loop_
_chem_comp.id
_chem_comp.type
_chem_comp.name
_chem_comp.formula
MLI non-polymer 'MALONATE ION' 'C3 H2 O4 -2'
#
# COMPACT_ATOMS: atom_id res chain seq x y z
N MET A 4 22.19 -6.51 -13.02
CA MET A 4 20.70 -6.65 -12.97
C MET A 4 20.01 -5.95 -14.13
N ASN A 5 19.21 -6.71 -14.86
CA ASN A 5 18.33 -6.11 -15.84
C ASN A 5 17.17 -5.41 -15.16
N VAL A 6 16.76 -4.30 -15.76
CA VAL A 6 15.72 -3.45 -15.19
C VAL A 6 14.47 -3.59 -16.04
N TYR A 7 13.40 -4.01 -15.39
CA TYR A 7 12.09 -4.16 -16.00
C TYR A 7 11.21 -3.02 -15.60
N THR A 8 10.81 -2.22 -16.57
CA THR A 8 10.16 -0.95 -16.30
C THR A 8 8.67 -1.05 -16.60
N PHE A 9 7.88 -0.54 -15.67
CA PHE A 9 6.44 -0.41 -15.78
C PHE A 9 6.11 1.07 -15.80
N ASP A 10 5.58 1.53 -16.93
CA ASP A 10 5.23 2.90 -17.13
C ASP A 10 3.73 3.02 -16.88
N PHE A 11 3.37 3.71 -15.82
CA PHE A 11 1.96 3.74 -15.45
C PHE A 11 1.06 4.57 -16.36
N ASN A 12 1.63 5.32 -17.28
CA ASN A 12 0.81 5.88 -18.35
C ASN A 12 0.07 4.84 -19.18
N ASP A 13 0.61 3.62 -19.25
CA ASP A 13 -0.03 2.55 -19.97
C ASP A 13 -0.98 1.70 -19.12
N ILE A 14 -1.15 2.07 -17.86
CA ILE A 14 -1.92 1.31 -16.88
C ILE A 14 -3.03 2.19 -16.31
N LYS A 15 -4.29 1.90 -16.62
CA LYS A 15 -5.39 2.76 -16.12
C LYS A 15 -6.08 2.27 -14.87
N ASN A 16 -5.77 1.03 -14.46
CA ASN A 16 -6.26 0.50 -13.22
C ASN A 16 -5.35 -0.61 -12.73
N GLN A 17 -5.51 -1.00 -11.48
CA GLN A 17 -4.64 -2.00 -10.92
C GLN A 17 -4.69 -3.32 -11.71
N SER A 18 -5.86 -3.67 -12.24
CA SER A 18 -6.00 -4.88 -13.05
C SER A 18 -5.15 -4.89 -14.34
N ASP A 19 -5.02 -3.70 -14.97
CA ASP A 19 -4.14 -3.51 -16.14
C ASP A 19 -2.71 -3.84 -15.75
N PHE A 20 -2.32 -3.57 -14.51
CA PHE A 20 -0.97 -3.90 -14.07
C PHE A 20 -0.70 -5.42 -14.17
N TYR A 21 -1.67 -6.23 -13.76
CA TYR A 21 -1.45 -7.68 -13.81
C TYR A 21 -1.22 -8.15 -15.26
N ARG A 22 -1.99 -7.59 -16.21
CA ARG A 22 -1.76 -7.87 -17.64
C ARG A 22 -0.37 -7.42 -18.09
N GLU A 23 0.01 -6.20 -17.73
CA GLU A 23 1.34 -5.69 -18.09
C GLU A 23 2.43 -6.59 -17.50
N PHE A 24 2.22 -7.04 -16.27
CA PHE A 24 3.20 -7.90 -15.60
C PHE A 24 3.37 -9.23 -16.33
N THR A 25 2.26 -9.91 -16.65
CA THR A 25 2.39 -11.19 -17.32
C THR A 25 2.94 -11.02 -18.75
N GLN A 26 2.57 -9.95 -19.44
CA GLN A 26 3.10 -9.70 -20.78
C GLN A 26 4.59 -9.37 -20.73
N THR A 27 4.98 -8.52 -19.80
CA THR A 27 6.38 -8.12 -19.66
C THR A 27 7.27 -9.31 -19.38
N PHE A 28 6.83 -10.19 -18.46
CA PHE A 28 7.60 -11.33 -18.02
C PHE A 28 7.36 -12.64 -18.80
N GLY A 29 6.56 -12.61 -19.87
CA GLY A 29 6.39 -13.79 -20.71
C GLY A 29 5.65 -14.92 -19.97
N LEU A 30 4.68 -14.55 -19.12
CA LEU A 30 3.89 -15.48 -18.35
C LEU A 30 2.51 -15.66 -18.97
N ALA A 31 1.89 -16.83 -18.74
CA ALA A 31 0.49 -17.05 -19.13
C ALA A 31 -0.36 -16.03 -18.43
N SER A 32 -1.41 -15.56 -19.12
CA SER A 32 -2.32 -14.54 -18.57
C SER A 32 -2.90 -14.93 -17.20
N GLU A 33 -3.24 -16.22 -17.07
CA GLU A 33 -3.82 -16.72 -15.83
C GLU A 33 -2.84 -16.82 -14.68
N LYS A 34 -1.55 -16.57 -14.92
CA LYS A 34 -0.57 -16.68 -13.85
C LYS A 34 -0.78 -15.61 -12.77
N VAL A 35 -1.20 -14.42 -13.17
CA VAL A 35 -1.40 -13.31 -12.22
C VAL A 35 -2.70 -12.57 -12.51
N SER A 36 -3.58 -12.49 -11.52
CA SER A 36 -4.85 -11.79 -11.69
C SER A 36 -5.34 -11.05 -10.46
N ASP A 37 -4.53 -11.04 -9.40
CA ASP A 37 -4.88 -10.40 -8.15
C ASP A 37 -3.61 -10.31 -7.29
N LEU A 38 -3.70 -9.79 -6.07
CA LEU A 38 -2.49 -9.57 -5.27
C LEU A 38 -1.90 -10.89 -4.80
N ASP A 39 -2.74 -11.86 -4.43
CA ASP A 39 -2.22 -13.13 -3.92
C ASP A 39 -1.46 -13.89 -5.01
N THR A 40 -2.02 -13.88 -6.24
CA THR A 40 -1.34 -14.56 -7.34
C THR A 40 -0.08 -13.77 -7.78
N LEU A 41 -0.12 -12.45 -7.70
CA LEU A 41 1.10 -11.67 -7.93
C LEU A 41 2.20 -12.04 -6.94
N TRP A 42 1.85 -12.09 -5.66
CA TRP A 42 2.81 -12.52 -4.63
C TRP A 42 3.37 -13.90 -4.94
N ASP A 43 2.46 -14.84 -5.25
CA ASP A 43 2.93 -16.18 -5.56
C ASP A 43 3.91 -16.18 -6.75
N ALA A 44 3.61 -15.42 -7.81
CA ALA A 44 4.54 -15.36 -8.93
C ALA A 44 5.90 -14.85 -8.54
N VAL A 45 5.93 -13.79 -7.75
CA VAL A 45 7.19 -13.15 -7.42
C VAL A 45 7.99 -14.07 -6.47
N MET A 46 7.31 -14.95 -5.73
CA MET A 46 7.95 -15.89 -4.81
C MET A 46 8.28 -17.27 -5.33
N SER A 47 7.88 -17.59 -6.55
CA SER A 47 7.91 -18.95 -7.09
C SER A 47 9.07 -19.21 -8.01
N ASP A 48 10.05 -18.32 -8.06
CA ASP A 48 11.24 -18.64 -8.91
C ASP A 48 10.91 -18.85 -10.42
N ILE A 49 9.91 -18.14 -10.94
CA ILE A 49 9.58 -18.10 -12.37
C ILE A 49 10.05 -16.81 -13.07
N LEU A 50 10.39 -15.77 -12.32
CA LEU A 50 10.91 -14.52 -12.91
C LEU A 50 12.40 -14.70 -13.15
N PRO A 51 12.98 -13.88 -14.04
CA PRO A 51 14.40 -14.04 -14.40
C PRO A 51 15.32 -13.40 -13.33
N LEU A 52 15.26 -13.94 -12.12
CA LEU A 52 16.05 -13.43 -10.99
C LEU A 52 17.55 -13.72 -11.18
N PRO A 53 18.42 -12.82 -10.71
CA PRO A 53 18.11 -11.55 -10.04
C PRO A 53 17.70 -10.48 -11.04
N LEU A 54 16.90 -9.53 -10.60
CA LEU A 54 16.37 -8.48 -11.47
C LEU A 54 15.93 -7.26 -10.66
N GLU A 55 15.77 -6.14 -11.34
CA GLU A 55 15.16 -4.96 -10.77
C GLU A 55 13.84 -4.67 -11.49
N ILE A 56 12.86 -4.24 -10.70
CA ILE A 56 11.60 -3.71 -11.21
C ILE A 56 11.56 -2.25 -10.87
N GLU A 57 11.22 -1.42 -11.86
CA GLU A 57 11.08 0.00 -11.67
C GLU A 57 9.69 0.43 -12.12
N PHE A 58 9.07 1.30 -11.31
CA PHE A 58 7.82 1.97 -11.69
C PHE A 58 8.12 3.39 -12.05
N VAL A 59 7.69 3.83 -13.22
CA VAL A 59 7.85 5.21 -13.65
C VAL A 59 6.49 5.81 -13.93
N HIS A 60 6.48 7.14 -13.95
CA HIS A 60 5.29 7.91 -14.27
C HIS A 60 4.14 7.58 -13.36
N LEU A 61 4.41 7.74 -12.07
CA LEU A 61 3.45 7.51 -11.01
C LEU A 61 3.23 8.82 -10.24
N PRO A 62 2.25 9.61 -10.68
CA PRO A 62 1.80 10.77 -9.87
C PRO A 62 1.42 10.37 -8.47
N ASP A 63 1.55 11.28 -7.51
CA ASP A 63 1.14 10.98 -6.12
C ASP A 63 -0.21 10.31 -6.01
N LYS A 64 -1.19 10.82 -6.73
CA LYS A 64 -2.54 10.28 -6.68
C LYS A 64 -2.55 8.80 -7.01
N LEU A 65 -1.78 8.43 -8.03
CA LEU A 65 -1.73 7.08 -8.53
C LEU A 65 -0.83 6.16 -7.71
N ARG A 66 0.24 6.71 -7.13
CA ARG A 66 1.03 5.97 -6.15
C ARG A 66 0.14 5.54 -4.98
N ARG A 67 -0.72 6.46 -4.51
N ARG A 67 -0.69 6.47 -4.50
CA ARG A 67 -1.66 6.14 -3.45
CA ARG A 67 -1.69 6.16 -3.48
C ARG A 67 -2.71 5.11 -3.90
C ARG A 67 -2.63 5.07 -3.94
N ARG A 68 -3.23 5.27 -5.12
CA ARG A 68 -4.24 4.34 -5.64
C ARG A 68 -3.67 2.94 -5.72
N TYR A 69 -2.43 2.82 -6.20
CA TYR A 69 -1.76 1.57 -6.42
C TYR A 69 -0.82 1.18 -5.28
N GLY A 70 -1.10 1.69 -4.08
CA GLY A 70 -0.21 1.48 -2.95
C GLY A 70 -0.06 0.02 -2.57
N ALA A 71 -1.08 -0.82 -2.83
CA ALA A 71 -0.94 -2.23 -2.54
C ALA A 71 0.13 -2.89 -3.41
N LEU A 72 0.28 -2.45 -4.65
CA LEU A 72 1.33 -2.99 -5.52
C LEU A 72 2.69 -2.59 -4.99
N ILE A 73 2.79 -1.31 -4.57
CA ILE A 73 4.05 -0.81 -4.08
C ILE A 73 4.49 -1.59 -2.83
N LEU A 74 3.59 -1.71 -1.86
CA LEU A 74 3.92 -2.45 -0.63
C LEU A 74 4.26 -3.90 -0.92
N LEU A 75 3.58 -4.51 -1.89
CA LEU A 75 3.84 -5.91 -2.24
C LEU A 75 5.27 -6.06 -2.76
N PHE A 76 5.70 -5.17 -3.67
CA PHE A 76 7.06 -5.26 -4.17
C PHE A 76 8.11 -4.87 -3.15
N ASP A 77 7.78 -3.96 -2.22
CA ASP A 77 8.69 -3.67 -1.10
C ASP A 77 8.89 -4.94 -0.26
N GLU A 78 7.79 -5.64 0.04
CA GLU A 78 7.90 -6.87 0.81
C GLU A 78 8.62 -7.98 0.07
N ALA A 79 8.39 -8.08 -1.26
CA ALA A 79 9.12 -9.04 -2.06
C ALA A 79 10.61 -8.76 -2.03
N GLU A 80 10.99 -7.49 -2.13
N GLU A 80 11.01 -7.49 -2.14
CA GLU A 80 12.39 -7.12 -2.03
CA GLU A 80 12.43 -7.16 -2.04
C GLU A 80 12.98 -7.61 -0.71
C GLU A 80 13.00 -7.60 -0.70
N GLU A 81 12.26 -7.38 0.39
CA GLU A 81 12.74 -7.84 1.69
C GLU A 81 12.88 -9.36 1.75
N GLU A 82 11.84 -10.06 1.32
N GLU A 82 11.84 -10.07 1.33
CA GLU A 82 11.84 -11.51 1.39
CA GLU A 82 11.84 -11.54 1.39
C GLU A 82 12.90 -12.16 0.52
C GLU A 82 12.88 -12.20 0.49
N LEU A 83 13.17 -11.58 -0.66
CA LEU A 83 14.10 -12.16 -1.62
C LEU A 83 15.56 -11.81 -1.37
N GLU A 84 15.83 -11.05 -0.32
CA GLU A 84 17.17 -10.89 0.23
C GLU A 84 18.17 -10.30 -0.75
N GLY A 85 17.71 -9.40 -1.62
CA GLY A 85 18.59 -8.75 -2.57
C GLY A 85 18.42 -9.25 -4.00
N ARG A 86 17.81 -10.41 -4.20
CA ARG A 86 17.66 -10.94 -5.58
C ARG A 86 16.67 -10.16 -6.42
N LEU A 87 15.69 -9.54 -5.77
N LEU A 87 15.70 -9.51 -5.76
CA LEU A 87 14.82 -8.61 -6.42
CA LEU A 87 14.76 -8.60 -6.41
C LEU A 87 15.08 -7.22 -5.86
C LEU A 87 14.94 -7.19 -5.85
N ARG A 88 15.26 -6.24 -6.73
CA ARG A 88 15.32 -4.83 -6.36
C ARG A 88 14.05 -4.14 -6.86
N PHE A 89 13.47 -3.25 -6.06
CA PHE A 89 12.25 -2.55 -6.47
C PHE A 89 12.41 -1.06 -6.21
N ASN A 90 12.15 -0.23 -7.21
N ASN A 90 12.06 -0.24 -7.20
CA ASN A 90 12.14 1.21 -7.01
CA ASN A 90 12.17 1.18 -7.06
C ASN A 90 11.01 1.89 -7.73
C ASN A 90 11.05 1.92 -7.76
N VAL A 91 10.43 2.87 -7.07
CA VAL A 91 9.50 3.80 -7.71
C VAL A 91 10.33 5.01 -8.02
N ARG A 92 10.37 5.40 -9.30
CA ARG A 92 11.18 6.56 -9.68
C ARG A 92 10.40 7.85 -9.49
N HIS A 93 10.93 8.78 -8.68
CA HIS A 93 10.37 10.14 -8.45
C HIS A 93 9.07 10.21 -7.66
N ALA B 3 2.61 10.86 26.64
CA ALA B 3 2.42 9.74 25.63
C ALA B 3 1.23 10.03 24.74
N MET B 4 1.42 9.96 23.43
CA MET B 4 0.35 10.16 22.46
C MET B 4 -0.76 9.21 22.68
N ASN B 5 -2.00 9.66 22.48
CA ASN B 5 -3.10 8.74 22.48
C ASN B 5 -2.98 7.81 21.28
N VAL B 6 -3.24 6.53 21.51
CA VAL B 6 -3.13 5.50 20.51
C VAL B 6 -4.53 5.04 20.08
N TYR B 7 -4.83 5.20 18.80
CA TYR B 7 -6.08 4.82 18.19
C TYR B 7 -5.85 3.54 17.47
N THR B 8 -6.51 2.49 17.92
CA THR B 8 -6.27 1.12 17.43
C THR B 8 -7.35 0.72 16.46
N PHE B 9 -6.91 0.22 15.31
CA PHE B 9 -7.78 -0.45 14.36
C PHE B 9 -7.47 -1.95 14.34
N ASP B 10 -8.43 -2.73 14.77
CA ASP B 10 -8.29 -4.18 14.89
C ASP B 10 -8.96 -4.76 13.64
N PHE B 11 -8.16 -5.31 12.73
CA PHE B 11 -8.72 -5.74 11.46
C PHE B 11 -9.67 -6.91 11.55
N ASN B 12 -9.74 -7.58 12.71
CA ASN B 12 -10.84 -8.54 12.87
C ASN B 12 -12.24 -7.91 12.72
N ASP B 13 -12.36 -6.60 12.97
CA ASP B 13 -13.67 -5.95 12.81
C ASP B 13 -13.91 -5.42 11.40
N ILE B 14 -13.01 -5.72 10.46
CA ILE B 14 -12.92 -5.07 9.14
C ILE B 14 -12.82 -6.13 8.02
N LYS B 15 -13.86 -6.29 7.20
CA LYS B 15 -13.87 -7.40 6.20
C LYS B 15 -13.59 -6.98 4.79
N ASN B 16 -13.49 -5.68 4.57
CA ASN B 16 -12.94 -5.17 3.34
C ASN B 16 -12.45 -3.74 3.52
N GLN B 17 -11.83 -3.20 2.50
CA GLN B 17 -11.22 -1.88 2.64
C GLN B 17 -12.28 -0.79 2.89
N SER B 18 -13.47 -0.93 2.31
CA SER B 18 -14.55 0.02 2.53
C SER B 18 -15.01 0.07 3.98
N ASP B 19 -14.99 -1.09 4.65
CA ASP B 19 -15.26 -1.12 6.09
C ASP B 19 -14.25 -0.31 6.87
N PHE B 20 -12.98 -0.27 6.43
CA PHE B 20 -12.02 0.53 7.14
C PHE B 20 -12.44 2.00 7.17
N TYR B 21 -12.98 2.49 6.05
CA TYR B 21 -13.40 3.88 6.03
C TYR B 21 -14.51 4.14 7.05
N ARG B 22 -15.46 3.20 7.16
N ARG B 22 -15.44 3.19 7.17
CA ARG B 22 -16.49 3.23 8.19
CA ARG B 22 -16.50 3.26 8.18
C ARG B 22 -15.87 3.29 9.58
C ARG B 22 -15.92 3.25 9.60
N GLU B 23 -14.98 2.36 9.86
CA GLU B 23 -14.32 2.32 11.18
C GLU B 23 -13.57 3.60 11.49
N PHE B 24 -12.94 4.17 10.47
CA PHE B 24 -12.11 5.40 10.59
C PHE B 24 -12.97 6.58 10.99
N THR B 25 -14.11 6.78 10.30
CA THR B 25 -14.97 7.91 10.67
C THR B 25 -15.62 7.70 12.03
N GLN B 26 -16.02 6.46 12.33
CA GLN B 26 -16.60 6.17 13.65
C GLN B 26 -15.60 6.45 14.75
N THR B 27 -14.40 5.91 14.59
CA THR B 27 -13.36 6.03 15.59
C THR B 27 -13.03 7.48 15.88
N PHE B 28 -12.93 8.28 14.83
CA PHE B 28 -12.54 9.69 14.95
C PHE B 28 -13.71 10.69 15.06
N GLY B 29 -14.93 10.22 15.18
CA GLY B 29 -16.07 11.11 15.38
C GLY B 29 -16.35 12.02 14.21
N LEU B 30 -16.10 11.51 13.00
CA LEU B 30 -16.32 12.25 11.77
C LEU B 30 -17.64 11.85 11.15
N ALA B 31 -18.19 12.74 10.33
CA ALA B 31 -19.39 12.42 9.54
C ALA B 31 -19.09 11.19 8.69
N SER B 32 -20.04 10.25 8.61
CA SER B 32 -19.80 9.00 7.91
C SER B 32 -19.40 9.20 6.46
N GLU B 33 -19.99 10.22 5.83
CA GLU B 33 -19.73 10.50 4.41
C GLU B 33 -18.36 11.16 4.16
N LYS B 34 -17.64 11.55 5.21
CA LYS B 34 -16.39 12.28 5.11
C LYS B 34 -15.27 11.45 4.47
N VAL B 35 -15.29 10.14 4.68
CA VAL B 35 -14.23 9.28 4.14
C VAL B 35 -14.86 8.07 3.49
N SER B 36 -14.58 7.85 2.19
CA SER B 36 -15.17 6.76 1.44
C SER B 36 -14.26 6.13 0.40
N ASP B 37 -13.01 6.59 0.31
CA ASP B 37 -12.04 6.10 -0.64
C ASP B 37 -10.67 6.58 -0.22
N LEU B 38 -9.64 6.24 -0.99
CA LEU B 38 -8.28 6.61 -0.56
C LEU B 38 -8.05 8.11 -0.60
N ASP B 39 -8.57 8.79 -1.64
CA ASP B 39 -8.32 10.23 -1.75
C ASP B 39 -8.98 10.97 -0.60
N THR B 40 -10.22 10.58 -0.24
CA THR B 40 -10.89 11.25 0.87
C THR B 40 -10.28 10.88 2.22
N LEU B 41 -9.76 9.66 2.33
CA LEU B 41 -8.98 9.32 3.51
C LEU B 41 -7.75 10.22 3.65
N TRP B 42 -6.98 10.35 2.57
CA TRP B 42 -5.84 11.26 2.55
C TRP B 42 -6.23 12.69 2.96
N ASP B 43 -7.28 13.21 2.34
CA ASP B 43 -7.73 14.55 2.68
C ASP B 43 -8.06 14.68 4.16
N ALA B 44 -8.73 13.67 4.72
CA ALA B 44 -9.06 13.74 6.15
C ALA B 44 -7.80 13.79 6.99
N VAL B 45 -6.84 12.91 6.69
CA VAL B 45 -5.61 12.86 7.44
C VAL B 45 -4.77 14.13 7.32
N MET B 46 -4.87 14.83 6.18
N MET B 46 -4.86 14.85 6.20
CA MET B 46 -4.10 16.05 5.87
CA MET B 46 -4.04 16.02 5.96
C MET B 46 -4.74 17.38 6.28
C MET B 46 -4.78 17.37 6.11
N SER B 47 -6.01 17.34 6.65
CA SER B 47 -6.82 18.56 6.81
C SER B 47 -6.97 19.07 8.21
N ASP B 48 -6.17 18.58 9.15
CA ASP B 48 -6.26 19.08 10.53
C ASP B 48 -7.63 18.97 11.20
N ILE B 49 -8.34 17.87 10.93
CA ILE B 49 -9.59 17.50 11.63
C ILE B 49 -9.44 16.31 12.60
N LEU B 50 -8.33 15.59 12.55
CA LEU B 50 -8.01 14.57 13.55
C LEU B 50 -7.43 15.21 14.83
N PRO B 51 -7.47 14.46 15.96
CA PRO B 51 -6.94 14.99 17.22
C PRO B 51 -5.42 14.88 17.34
N LEU B 52 -4.73 15.56 16.44
CA LEU B 52 -3.29 15.55 16.35
C LEU B 52 -2.69 16.34 17.51
N PRO B 53 -1.54 15.89 18.06
CA PRO B 53 -0.78 14.71 17.65
C PRO B 53 -1.44 13.40 18.14
N LEU B 54 -1.29 12.33 17.37
N LEU B 54 -1.27 12.32 17.38
CA LEU B 54 -1.85 11.05 17.73
CA LEU B 54 -1.82 11.04 17.76
C LEU B 54 -1.07 9.92 17.08
C LEU B 54 -1.06 9.92 17.09
N GLU B 55 -1.24 8.72 17.63
CA GLU B 55 -0.72 7.49 17.05
C GLU B 55 -1.89 6.64 16.53
N ILE B 56 -1.71 6.06 15.36
CA ILE B 56 -2.61 5.06 14.80
C ILE B 56 -1.85 3.76 14.77
N GLU B 57 -2.48 2.71 15.31
CA GLU B 57 -1.91 1.39 15.31
C GLU B 57 -2.89 0.43 14.63
N PHE B 58 -2.36 -0.41 13.76
CA PHE B 58 -3.12 -1.51 13.15
C PHE B 58 -2.72 -2.80 13.83
N VAL B 59 -3.72 -3.54 14.24
CA VAL B 59 -3.56 -4.80 14.96
C VAL B 59 -4.29 -5.91 14.21
N HIS B 60 -3.83 -7.15 14.43
CA HIS B 60 -4.45 -8.34 13.88
C HIS B 60 -4.55 -8.27 12.38
N LEU B 61 -3.38 -8.21 11.77
N LEU B 61 -3.40 -8.07 11.74
CA LEU B 61 -3.25 -8.11 10.33
CA LEU B 61 -3.27 -8.07 10.28
C LEU B 61 -2.41 -9.26 9.81
C LEU B 61 -2.42 -9.26 9.83
N PRO B 62 -3.05 -10.41 9.53
CA PRO B 62 -2.36 -11.48 8.85
C PRO B 62 -1.65 -11.01 7.59
N ASP B 63 -0.60 -11.73 7.17
CA ASP B 63 0.12 -11.35 5.95
C ASP B 63 -0.83 -11.14 4.78
N LYS B 64 -1.80 -12.02 4.60
CA LYS B 64 -2.71 -11.93 3.46
C LYS B 64 -3.44 -10.61 3.47
N LEU B 65 -3.85 -10.18 4.66
CA LEU B 65 -4.67 -8.95 4.79
C LEU B 65 -3.82 -7.70 4.80
N ARG B 66 -2.61 -7.79 5.32
CA ARG B 66 -1.63 -6.68 5.16
C ARG B 66 -1.41 -6.41 3.68
N ARG B 67 -1.21 -7.46 2.88
CA ARG B 67 -1.11 -7.32 1.43
C ARG B 67 -2.37 -6.73 0.83
N ARG B 68 -3.53 -7.29 1.16
CA ARG B 68 -4.78 -6.82 0.60
C ARG B 68 -5.00 -5.35 0.86
N TYR B 69 -4.68 -4.91 2.07
CA TYR B 69 -4.92 -3.56 2.53
C TYR B 69 -3.65 -2.70 2.45
N GLY B 70 -2.72 -3.09 1.57
CA GLY B 70 -1.47 -2.37 1.50
C GLY B 70 -1.58 -0.91 1.12
N ALA B 71 -2.62 -0.54 0.37
CA ALA B 71 -2.79 0.87 0.08
C ALA B 71 -3.08 1.70 1.32
N LEU B 72 -3.79 1.11 2.29
CA LEU B 72 -4.01 1.80 3.56
C LEU B 72 -2.67 2.01 4.32
N ILE B 73 -1.87 0.96 4.34
CA ILE B 73 -0.59 1.02 5.04
C ILE B 73 0.31 2.11 4.43
N LEU B 74 0.46 2.08 3.10
CA LEU B 74 1.31 3.05 2.44
C LEU B 74 0.79 4.46 2.68
N LEU B 75 -0.54 4.63 2.65
CA LEU B 75 -1.13 5.95 2.87
C LEU B 75 -0.73 6.50 4.25
N PHE B 76 -0.87 5.67 5.28
CA PHE B 76 -0.50 6.16 6.61
C PHE B 76 1.03 6.35 6.77
N ASP B 77 1.83 5.50 6.10
CA ASP B 77 3.26 5.74 6.08
C ASP B 77 3.57 7.13 5.47
N GLU B 78 2.91 7.45 4.36
N GLU B 78 2.92 7.44 4.35
CA GLU B 78 3.14 8.74 3.70
CA GLU B 78 3.14 8.74 3.68
C GLU B 78 2.63 9.89 4.56
C GLU B 78 2.63 9.89 4.55
N ALA B 79 1.49 9.70 5.22
CA ALA B 79 0.95 10.72 6.10
C ALA B 79 1.94 10.99 7.25
N GLU B 80 2.48 9.91 7.83
CA GLU B 80 3.45 10.07 8.89
C GLU B 80 4.66 10.89 8.44
N GLU B 81 5.13 10.64 7.23
N GLU B 81 5.14 10.62 7.23
CA GLU B 81 6.26 11.41 6.70
CA GLU B 81 6.26 11.39 6.67
C GLU B 81 5.87 12.89 6.54
C GLU B 81 5.89 12.87 6.51
N GLU B 82 4.67 13.13 6.01
N GLU B 82 4.68 13.11 6.02
CA GLU B 82 4.24 14.50 5.71
CA GLU B 82 4.24 14.47 5.71
C GLU B 82 3.90 15.33 6.95
C GLU B 82 3.90 15.31 6.93
N LEU B 83 3.49 14.66 8.02
CA LEU B 83 3.01 15.37 9.22
C LEU B 83 4.07 15.66 10.25
N GLU B 84 5.32 15.34 9.93
CA GLU B 84 6.49 15.80 10.66
C GLU B 84 6.47 15.49 12.16
N GLY B 85 6.01 14.30 12.50
CA GLY B 85 5.96 13.85 13.90
C GLY B 85 4.62 13.92 14.57
N ARG B 86 3.67 14.65 14.01
N ARG B 86 3.67 14.66 14.00
CA ARG B 86 2.36 14.80 14.64
CA ARG B 86 2.36 14.80 14.63
C ARG B 86 1.47 13.57 14.47
C ARG B 86 1.55 13.52 14.54
N LEU B 87 1.79 12.71 13.51
CA LEU B 87 1.20 11.38 13.39
C LEU B 87 2.27 10.34 13.57
N ARG B 88 2.02 9.37 14.44
CA ARG B 88 2.85 8.15 14.51
C ARG B 88 1.96 7.01 13.99
N PHE B 89 2.55 6.15 13.18
CA PHE B 89 1.83 5.03 12.61
C PHE B 89 2.62 3.75 12.83
N ASN B 90 1.95 2.72 13.32
CA ASN B 90 2.59 1.41 13.52
C ASN B 90 1.66 0.26 13.16
N VAL B 91 2.21 -0.73 12.48
CA VAL B 91 1.50 -1.98 12.23
C VAL B 91 2.11 -2.92 13.22
N ARG B 92 1.27 -3.44 14.12
CA ARG B 92 1.78 -4.36 15.18
C ARG B 92 1.84 -5.75 14.58
N HIS B 93 3.05 -6.32 14.43
CA HIS B 93 3.32 -7.73 13.99
C HIS B 93 2.93 -8.05 12.53
C1 MLI C . -7.06 -6.81 -5.25
C2 MLI C . -7.54 -7.39 -6.55
C3 MLI C . -6.74 -7.95 -4.30
O6 MLI C . -8.66 -8.02 -6.55
O7 MLI C . -6.79 -7.20 -7.52
O8 MLI C . -7.06 -7.81 -3.10
O9 MLI C . -6.15 -8.95 -4.76
C1 MLI D . -9.77 2.60 -3.52
C2 MLI D . -9.35 3.90 -4.10
C3 MLI D . -11.19 2.71 -3.07
O6 MLI D . -9.77 4.91 -3.53
O7 MLI D . -8.63 3.88 -5.14
O8 MLI D . -11.41 2.57 -1.86
O9 MLI D . -12.06 2.97 -3.98
#